data_1WN4
#
_entry.id   1WN4
#
_entity_poly.entity_id   1
_entity_poly.type   'polypeptide(L)'
_entity_poly.pdbx_seq_one_letter_code
;ALETQKPNHLLEEALVAFAKKGNLGGLP
;
_entity_poly.pdbx_strand_id   A
#
# COMPACT_ATOMS: atom_id res chain seq x y z
N ALA A 1 -12.15 -1.62 -6.07
CA ALA A 1 -12.51 -0.84 -7.28
C ALA A 1 -12.23 -1.64 -8.55
N LEU A 2 -11.07 -2.26 -8.61
CA LEU A 2 -10.67 -3.06 -9.75
C LEU A 2 -9.71 -4.15 -9.29
N GLU A 3 -10.14 -4.89 -8.29
CA GLU A 3 -9.34 -5.95 -7.70
C GLU A 3 -9.32 -7.20 -8.58
N THR A 4 -9.01 -7.01 -9.87
CA THR A 4 -8.94 -8.13 -10.80
C THR A 4 -7.70 -8.96 -10.50
N GLN A 5 -6.73 -8.32 -9.87
CA GLN A 5 -5.48 -8.95 -9.48
C GLN A 5 -5.07 -8.41 -8.12
N LYS A 6 -4.95 -9.30 -7.15
CA LYS A 6 -4.59 -8.95 -5.77
C LYS A 6 -5.71 -8.14 -5.11
N PRO A 7 -6.45 -8.78 -4.22
CA PRO A 7 -7.58 -8.15 -3.50
C PRO A 7 -7.14 -7.01 -2.58
N ASN A 8 -7.92 -5.93 -2.60
CA ASN A 8 -7.69 -4.75 -1.77
C ASN A 8 -6.33 -4.11 -2.07
N HIS A 9 -5.95 -4.14 -3.33
CA HIS A 9 -4.68 -3.56 -3.75
C HIS A 9 -4.81 -2.05 -3.91
N LEU A 10 -6.03 -1.58 -4.13
CA LEU A 10 -6.28 -0.16 -4.30
C LEU A 10 -5.91 0.60 -3.03
N LEU A 11 -6.27 0.03 -1.88
CA LEU A 11 -5.99 0.65 -0.60
C LEU A 11 -4.55 0.43 -0.16
N GLU A 12 -4.02 -0.77 -0.39
CA GLU A 12 -2.66 -1.07 0.03
C GLU A 12 -1.64 -0.24 -0.74
N GLU A 13 -1.87 0.00 -2.02
CA GLU A 13 -0.94 0.83 -2.80
C GLU A 13 -0.86 2.21 -2.18
N ALA A 14 -2.02 2.74 -1.77
CA ALA A 14 -2.07 4.04 -1.11
C ALA A 14 -1.28 3.99 0.18
N LEU A 15 -1.38 2.86 0.89
CA LEU A 15 -0.66 2.65 2.13
C LEU A 15 0.84 2.63 1.86
N VAL A 16 1.23 1.86 0.85
CA VAL A 16 2.62 1.75 0.46
C VAL A 16 3.15 3.09 -0.03
N ALA A 17 2.29 3.84 -0.73
CA ALA A 17 2.65 5.16 -1.27
C ALA A 17 3.15 6.07 -0.17
N PHE A 18 2.56 5.93 1.02
CA PHE A 18 2.97 6.72 2.17
C PHE A 18 4.25 6.15 2.75
N ALA A 19 4.34 4.83 2.78
CA ALA A 19 5.53 4.14 3.30
C ALA A 19 6.77 4.53 2.51
N LYS A 20 6.69 4.32 1.19
CA LYS A 20 7.78 4.69 0.27
C LYS A 20 7.79 6.21 0.07
N LYS A 21 7.87 6.92 1.19
CA LYS A 21 7.87 8.38 1.19
C LYS A 21 8.26 8.88 2.58
N GLY A 22 7.62 8.30 3.60
CA GLY A 22 7.89 8.69 4.96
C GLY A 22 6.83 8.18 5.92
N ASN A 23 6.68 6.86 6.00
CA ASN A 23 5.69 6.24 6.88
C ASN A 23 6.11 6.36 8.35
N LEU A 24 6.17 7.58 8.84
CA LEU A 24 6.54 7.87 10.22
C LEU A 24 7.91 7.28 10.56
N GLY A 25 8.84 7.41 9.62
CA GLY A 25 10.18 6.90 9.82
C GLY A 25 10.23 5.38 9.80
N GLY A 26 9.47 4.79 8.89
CA GLY A 26 9.42 3.34 8.78
C GLY A 26 9.07 2.91 7.38
N LEU A 27 9.55 1.72 6.99
CA LEU A 27 9.31 1.16 5.67
C LEU A 27 9.80 2.09 4.55
N PRO A 28 11.11 2.43 4.55
CA PRO A 28 11.69 3.30 3.53
C PRO A 28 11.96 2.55 2.23
N ALA A 1 0.48 -4.90 -9.28
CA ALA A 1 1.32 -4.96 -10.50
C ALA A 1 1.86 -6.38 -10.68
N LEU A 2 2.04 -6.79 -11.94
CA LEU A 2 2.53 -8.13 -12.27
C LEU A 2 1.57 -9.19 -11.73
N GLU A 3 0.31 -9.10 -12.19
CA GLU A 3 -0.74 -10.01 -11.79
C GLU A 3 -0.93 -10.00 -10.28
N THR A 4 -1.48 -11.10 -9.77
CA THR A 4 -1.72 -11.24 -8.34
C THR A 4 -2.55 -10.05 -7.84
N GLN A 5 -3.67 -9.82 -8.50
CA GLN A 5 -4.54 -8.70 -8.17
C GLN A 5 -5.20 -8.88 -6.81
N LYS A 6 -4.97 -7.91 -5.92
CA LYS A 6 -5.56 -7.94 -4.59
C LYS A 6 -6.87 -7.18 -4.61
N PRO A 7 -7.90 -7.66 -3.91
CA PRO A 7 -9.19 -6.99 -3.86
C PRO A 7 -9.06 -5.57 -3.31
N ASN A 8 -8.35 -5.44 -2.21
CA ASN A 8 -8.13 -4.14 -1.58
C ASN A 8 -6.76 -3.58 -1.97
N HIS A 9 -6.40 -3.76 -3.23
CA HIS A 9 -5.11 -3.27 -3.74
C HIS A 9 -5.05 -1.75 -3.67
N LEU A 10 -6.20 -1.10 -3.83
CA LEU A 10 -6.27 0.36 -3.75
C LEU A 10 -5.75 0.83 -2.40
N LEU A 11 -6.00 0.03 -1.38
CA LEU A 11 -5.57 0.34 -0.04
C LEU A 11 -4.07 0.07 0.14
N GLU A 12 -3.59 -1.08 -0.34
CA GLU A 12 -2.18 -1.42 -0.20
C GLU A 12 -1.28 -0.56 -1.08
N GLU A 13 -1.69 -0.33 -2.31
CA GLU A 13 -0.91 0.49 -3.23
C GLU A 13 -0.72 1.88 -2.66
N ALA A 14 -1.80 2.42 -2.11
CA ALA A 14 -1.75 3.73 -1.47
C ALA A 14 -0.92 3.65 -0.19
N LEU A 15 -1.04 2.53 0.50
CA LEU A 15 -0.30 2.29 1.73
C LEU A 15 1.20 2.35 1.47
N VAL A 16 1.64 1.61 0.46
CA VAL A 16 3.05 1.59 0.09
C VAL A 16 3.50 2.97 -0.38
N ALA A 17 2.64 3.64 -1.13
CA ALA A 17 2.94 4.97 -1.63
C ALA A 17 3.19 5.93 -0.47
N PHE A 18 2.40 5.78 0.58
CA PHE A 18 2.53 6.61 1.78
C PHE A 18 3.74 6.16 2.59
N ALA A 19 3.89 4.85 2.76
CA ALA A 19 5.00 4.29 3.51
C ALA A 19 6.34 4.65 2.90
N LYS A 20 6.39 4.68 1.57
CA LYS A 20 7.61 5.00 0.84
C LYS A 20 8.10 6.40 1.17
N LYS A 21 7.18 7.37 1.16
CA LYS A 21 7.54 8.75 1.45
C LYS A 21 7.74 8.96 2.95
N GLY A 22 7.01 8.18 3.76
CA GLY A 22 7.13 8.29 5.20
C GLY A 22 8.50 7.87 5.68
N ASN A 23 9.02 6.81 5.10
CA ASN A 23 10.35 6.29 5.44
C ASN A 23 11.43 7.11 4.76
N LEU A 24 11.55 8.37 5.18
CA LEU A 24 12.53 9.32 4.64
C LEU A 24 12.11 9.84 3.26
N GLY A 25 11.54 8.98 2.44
CA GLY A 25 11.11 9.38 1.12
C GLY A 25 12.17 9.13 0.06
N GLY A 26 12.63 7.89 -0.02
CA GLY A 26 13.64 7.55 -0.99
C GLY A 26 13.49 6.13 -1.51
N LEU A 27 14.48 5.69 -2.28
CA LEU A 27 14.51 4.35 -2.88
C LEU A 27 13.47 4.20 -3.99
N PRO A 28 13.83 3.50 -5.07
CA PRO A 28 12.92 3.27 -6.22
C PRO A 28 11.69 2.48 -5.80
N ALA A 1 -6.57 -19.31 -12.52
CA ALA A 1 -5.54 -18.82 -13.45
C ALA A 1 -5.24 -17.35 -13.18
N LEU A 2 -3.95 -16.99 -13.19
CA LEU A 2 -3.51 -15.63 -12.92
C LEU A 2 -3.83 -15.26 -11.47
N GLU A 3 -3.45 -16.15 -10.57
CA GLU A 3 -3.68 -15.98 -9.15
C GLU A 3 -2.93 -14.76 -8.60
N THR A 4 -3.67 -13.68 -8.38
CA THR A 4 -3.10 -12.45 -7.88
C THR A 4 -4.24 -11.47 -7.56
N GLN A 5 -5.36 -12.03 -7.15
CA GLN A 5 -6.55 -11.24 -6.81
C GLN A 5 -6.44 -10.66 -5.41
N LYS A 6 -5.43 -9.82 -5.19
CA LYS A 6 -5.22 -9.20 -3.89
C LYS A 6 -6.38 -8.27 -3.54
N PRO A 7 -7.06 -8.54 -2.41
CA PRO A 7 -8.18 -7.72 -1.96
C PRO A 7 -7.73 -6.34 -1.52
N ASN A 8 -8.44 -5.32 -2.01
CA ASN A 8 -8.15 -3.93 -1.68
C ASN A 8 -6.71 -3.55 -2.03
N HIS A 9 -6.24 -4.04 -3.18
CA HIS A 9 -4.89 -3.75 -3.65
C HIS A 9 -4.73 -2.24 -3.87
N LEU A 10 -5.81 -1.60 -4.27
CA LEU A 10 -5.80 -0.17 -4.50
C LEU A 10 -5.50 0.55 -3.19
N LEU A 11 -6.08 0.03 -2.11
CA LEU A 11 -5.88 0.58 -0.79
C LEU A 11 -4.46 0.31 -0.29
N GLU A 12 -3.96 -0.91 -0.55
CA GLU A 12 -2.61 -1.27 -0.11
C GLU A 12 -1.57 -0.42 -0.83
N GLU A 13 -1.84 -0.08 -2.10
CA GLU A 13 -0.91 0.75 -2.86
C GLU A 13 -0.76 2.09 -2.16
N ALA A 14 -1.90 2.63 -1.72
CA ALA A 14 -1.91 3.89 -1.00
C ALA A 14 -1.14 3.75 0.31
N LEU A 15 -1.28 2.59 0.94
CA LEU A 15 -0.59 2.29 2.18
C LEU A 15 0.92 2.32 1.94
N VAL A 16 1.35 1.64 0.88
CA VAL A 16 2.75 1.58 0.51
C VAL A 16 3.21 2.95 0.02
N ALA A 17 2.33 3.66 -0.67
CA ALA A 17 2.64 4.99 -1.19
C ALA A 17 3.07 5.91 -0.06
N PHE A 18 2.45 5.75 1.10
CA PHE A 18 2.79 6.53 2.27
C PHE A 18 4.18 6.14 2.74
N ALA A 19 4.43 4.83 2.78
CA ALA A 19 5.71 4.28 3.20
C ALA A 19 6.84 4.70 2.26
N LYS A 20 6.52 4.77 0.97
CA LYS A 20 7.49 5.16 -0.06
C LYS A 20 8.14 6.51 0.27
N LYS A 21 7.39 7.36 0.96
CA LYS A 21 7.90 8.67 1.34
C LYS A 21 7.83 8.85 2.86
N GLY A 22 8.02 7.76 3.59
CA GLY A 22 7.98 7.82 5.04
C GLY A 22 7.51 6.53 5.68
N ASN A 23 8.42 5.84 6.35
CA ASN A 23 8.10 4.58 7.02
C ASN A 23 7.44 4.85 8.38
N LEU A 24 6.45 5.73 8.37
CA LEU A 24 5.73 6.09 9.59
C LEU A 24 4.47 5.23 9.75
N GLY A 25 4.61 4.11 10.44
CA GLY A 25 3.48 3.23 10.65
C GLY A 25 3.17 2.35 9.46
N GLY A 26 3.15 2.95 8.27
CA GLY A 26 2.87 2.19 7.07
C GLY A 26 3.99 1.23 6.73
N LEU A 27 3.64 -0.05 6.61
CA LEU A 27 4.60 -1.12 6.29
C LEU A 27 5.59 -1.33 7.43
N PRO A 28 5.23 -2.20 8.40
CA PRO A 28 6.07 -2.51 9.54
C PRO A 28 7.08 -3.61 9.23
N ALA A 1 -15.28 -19.27 -9.63
CA ALA A 1 -15.97 -17.97 -9.80
C ALA A 1 -15.15 -16.86 -9.16
N LEU A 2 -15.03 -15.74 -9.87
CA LEU A 2 -14.27 -14.58 -9.41
C LEU A 2 -12.79 -14.93 -9.31
N GLU A 3 -12.29 -15.63 -10.33
CA GLU A 3 -10.90 -16.03 -10.40
C GLU A 3 -9.97 -14.82 -10.39
N THR A 4 -8.91 -14.91 -9.60
CA THR A 4 -7.92 -13.84 -9.46
C THR A 4 -8.57 -12.49 -9.15
N GLN A 5 -9.46 -12.51 -8.16
CA GLN A 5 -10.16 -11.30 -7.76
C GLN A 5 -9.20 -10.33 -7.08
N LYS A 6 -9.34 -9.05 -7.41
CA LYS A 6 -8.49 -8.03 -6.83
C LYS A 6 -8.87 -7.77 -5.36
N PRO A 7 -7.90 -7.89 -4.44
CA PRO A 7 -8.14 -7.69 -3.02
C PRO A 7 -8.11 -6.20 -2.64
N ASN A 8 -7.57 -5.92 -1.45
CA ASN A 8 -7.46 -4.55 -0.95
C ASN A 8 -6.28 -3.84 -1.60
N HIS A 9 -6.15 -4.04 -2.90
CA HIS A 9 -5.07 -3.46 -3.69
C HIS A 9 -5.16 -1.95 -3.74
N LEU A 10 -6.36 -1.43 -3.98
CA LEU A 10 -6.58 0.02 -4.06
C LEU A 10 -6.03 0.72 -2.81
N LEU A 11 -6.23 0.10 -1.65
CA LEU A 11 -5.76 0.68 -0.40
C LEU A 11 -4.28 0.40 -0.20
N GLU A 12 -3.84 -0.82 -0.51
CA GLU A 12 -2.43 -1.18 -0.34
C GLU A 12 -1.53 -0.35 -1.23
N GLU A 13 -2.01 0.00 -2.42
CA GLU A 13 -1.24 0.83 -3.35
C GLU A 13 -0.95 2.18 -2.70
N ALA A 14 -1.98 2.76 -2.09
CA ALA A 14 -1.84 4.02 -1.39
C ALA A 14 -0.97 3.84 -0.15
N LEU A 15 -1.11 2.69 0.48
CA LEU A 15 -0.35 2.36 1.69
C LEU A 15 1.14 2.36 1.36
N VAL A 16 1.51 1.70 0.27
CA VAL A 16 2.91 1.63 -0.16
C VAL A 16 3.42 3.03 -0.52
N ALA A 17 2.58 3.80 -1.21
CA ALA A 17 2.93 5.15 -1.61
C ALA A 17 3.26 6.00 -0.37
N PHE A 18 2.45 5.86 0.66
CA PHE A 18 2.65 6.59 1.90
C PHE A 18 3.88 6.05 2.63
N ALA A 19 4.01 4.73 2.64
CA ALA A 19 5.13 4.06 3.29
C ALA A 19 6.46 4.48 2.68
N LYS A 20 6.44 4.66 1.36
CA LYS A 20 7.63 5.06 0.61
C LYS A 20 8.20 6.39 1.13
N LYS A 21 7.32 7.23 1.66
CA LYS A 21 7.71 8.53 2.20
C LYS A 21 8.38 8.40 3.58
N GLY A 22 9.16 7.34 3.76
CA GLY A 22 9.84 7.10 5.02
C GLY A 22 8.90 6.86 6.17
N ASN A 23 7.72 6.31 5.87
CA ASN A 23 6.72 6.02 6.89
C ASN A 23 7.10 4.78 7.67
N LEU A 24 7.68 3.81 6.96
CA LEU A 24 8.10 2.56 7.59
C LEU A 24 9.19 1.90 6.75
N GLY A 25 10.04 1.14 7.41
CA GLY A 25 11.13 0.45 6.72
C GLY A 25 12.29 1.38 6.41
N GLY A 26 12.01 2.50 5.75
CA GLY A 26 13.04 3.46 5.40
C GLY A 26 13.96 2.94 4.32
N LEU A 27 13.42 2.10 3.45
CA LEU A 27 14.19 1.53 2.34
C LEU A 27 13.26 0.82 1.35
N PRO A 28 12.46 -0.19 1.82
CA PRO A 28 11.52 -0.90 0.93
C PRO A 28 10.46 0.04 0.39
N ALA A 1 -0.89 -6.78 -3.81
CA ALA A 1 -1.19 -6.25 -5.17
C ALA A 1 -2.06 -7.21 -5.96
N LEU A 2 -1.62 -8.45 -6.10
CA LEU A 2 -2.37 -9.46 -6.83
C LEU A 2 -1.88 -10.86 -6.44
N GLU A 3 -1.72 -11.05 -5.14
CA GLU A 3 -1.25 -12.33 -4.62
C GLU A 3 -2.44 -13.19 -4.22
N THR A 4 -2.17 -14.29 -3.53
CA THR A 4 -3.22 -15.18 -3.07
C THR A 4 -4.05 -14.53 -1.98
N GLN A 5 -3.35 -13.98 -0.97
CA GLN A 5 -4.01 -13.31 0.14
C GLN A 5 -4.12 -11.81 -0.14
N LYS A 6 -4.34 -11.49 -1.39
CA LYS A 6 -4.47 -10.11 -1.83
C LYS A 6 -5.76 -9.48 -1.31
N PRO A 7 -5.66 -8.35 -0.60
CA PRO A 7 -6.79 -7.63 -0.07
C PRO A 7 -7.26 -6.58 -1.08
N ASN A 8 -7.48 -5.37 -0.60
CA ASN A 8 -7.90 -4.28 -1.49
C ASN A 8 -6.64 -3.62 -2.02
N HIS A 9 -6.37 -3.81 -3.31
CA HIS A 9 -5.17 -3.25 -3.93
C HIS A 9 -5.14 -1.73 -3.90
N LEU A 10 -6.31 -1.10 -3.96
CA LEU A 10 -6.37 0.36 -3.90
C LEU A 10 -5.82 0.83 -2.56
N LEU A 11 -6.10 0.04 -1.52
CA LEU A 11 -5.63 0.35 -0.18
C LEU A 11 -4.13 0.10 -0.05
N GLU A 12 -3.67 -1.06 -0.50
CA GLU A 12 -2.25 -1.41 -0.41
C GLU A 12 -1.39 -0.51 -1.30
N GLU A 13 -1.89 -0.15 -2.47
CA GLU A 13 -1.15 0.73 -3.37
C GLU A 13 -0.88 2.05 -2.67
N ALA A 14 -1.91 2.60 -2.04
CA ALA A 14 -1.79 3.84 -1.30
C ALA A 14 -0.91 3.65 -0.07
N LEU A 15 -1.05 2.47 0.56
CA LEU A 15 -0.27 2.14 1.74
C LEU A 15 1.22 2.22 1.45
N VAL A 16 1.66 1.55 0.38
CA VAL A 16 3.06 1.57 -0.01
C VAL A 16 3.49 2.96 -0.48
N ALA A 17 2.61 3.62 -1.22
CA ALA A 17 2.88 4.97 -1.71
C ALA A 17 3.19 5.92 -0.57
N PHE A 18 2.43 5.81 0.51
CA PHE A 18 2.62 6.65 1.69
C PHE A 18 3.79 6.15 2.54
N ALA A 19 3.88 4.83 2.69
CA ALA A 19 4.93 4.21 3.49
C ALA A 19 6.32 4.59 2.98
N LYS A 20 6.48 4.61 1.66
CA LYS A 20 7.76 4.94 1.05
C LYS A 20 8.10 6.43 1.19
N LYS A 21 7.11 7.24 1.56
CA LYS A 21 7.33 8.67 1.73
C LYS A 21 8.16 8.92 2.99
N GLY A 22 7.81 8.21 4.04
CA GLY A 22 8.51 8.34 5.30
C GLY A 22 7.74 7.71 6.44
N ASN A 23 8.36 6.74 7.09
CA ASN A 23 7.73 6.05 8.22
C ASN A 23 8.73 5.11 8.88
N LEU A 24 9.15 4.09 8.14
CA LEU A 24 10.11 3.12 8.65
C LEU A 24 11.52 3.67 8.56
N GLY A 25 11.86 4.21 7.39
CA GLY A 25 13.18 4.77 7.19
C GLY A 25 13.50 4.88 5.72
N GLY A 26 14.75 4.60 5.36
CA GLY A 26 15.17 4.66 3.98
C GLY A 26 15.30 6.08 3.47
N LEU A 27 15.88 6.95 4.29
CA LEU A 27 16.08 8.35 3.92
C LEU A 27 17.24 8.93 4.72
N PRO A 28 18.04 9.81 4.09
CA PRO A 28 19.19 10.44 4.73
C PRO A 28 18.77 11.58 5.65
N ALA A 1 3.56 -1.09 -17.24
CA ALA A 1 4.09 -0.75 -15.91
C ALA A 1 3.00 -0.89 -14.88
N LEU A 2 3.37 -1.33 -13.67
CA LEU A 2 2.42 -1.54 -12.56
C LEU A 2 1.53 -2.75 -12.84
N GLU A 3 1.28 -3.54 -11.81
CA GLU A 3 0.47 -4.73 -11.96
C GLU A 3 -0.97 -4.32 -12.22
N THR A 4 -1.55 -4.83 -13.30
CA THR A 4 -2.93 -4.51 -13.63
C THR A 4 -3.87 -5.15 -12.62
N GLN A 5 -3.55 -6.38 -12.24
CA GLN A 5 -4.34 -7.10 -11.26
C GLN A 5 -3.86 -6.78 -9.85
N LYS A 6 -4.79 -6.41 -8.99
CA LYS A 6 -4.48 -6.08 -7.61
C LYS A 6 -5.46 -6.79 -6.68
N PRO A 7 -4.95 -7.58 -5.72
CA PRO A 7 -5.79 -8.34 -4.77
C PRO A 7 -6.41 -7.41 -3.72
N ASN A 8 -7.21 -6.44 -4.19
CA ASN A 8 -7.86 -5.46 -3.31
C ASN A 8 -6.79 -4.58 -2.68
N HIS A 9 -5.66 -4.52 -3.34
CA HIS A 9 -4.51 -3.72 -2.91
C HIS A 9 -4.71 -2.26 -3.31
N LEU A 10 -5.96 -1.82 -3.33
CA LEU A 10 -6.29 -0.44 -3.70
C LEU A 10 -5.93 0.50 -2.56
N LEU A 11 -6.47 0.22 -1.38
CA LEU A 11 -6.18 1.05 -0.21
C LEU A 11 -4.72 0.89 0.18
N GLU A 12 -4.23 -0.34 0.05
CA GLU A 12 -2.85 -0.65 0.38
C GLU A 12 -1.90 0.05 -0.57
N GLU A 13 -2.33 0.29 -1.81
CA GLU A 13 -1.50 0.97 -2.79
C GLU A 13 -1.11 2.33 -2.26
N ALA A 14 -2.09 3.04 -1.70
CA ALA A 14 -1.86 4.35 -1.12
C ALA A 14 -0.98 4.21 0.12
N LEU A 15 -1.21 3.15 0.87
CA LEU A 15 -0.44 2.88 2.08
C LEU A 15 1.04 2.70 1.73
N VAL A 16 1.30 1.89 0.71
CA VAL A 16 2.66 1.64 0.25
C VAL A 16 3.26 2.92 -0.33
N ALA A 17 2.42 3.70 -1.00
CA ALA A 17 2.86 4.96 -1.60
C ALA A 17 3.36 5.92 -0.52
N PHE A 18 2.66 5.94 0.61
CA PHE A 18 3.04 6.79 1.72
C PHE A 18 4.26 6.21 2.44
N ALA A 19 4.25 4.89 2.59
CA ALA A 19 5.34 4.18 3.26
C ALA A 19 6.68 4.39 2.56
N LYS A 20 6.64 4.41 1.23
CA LYS A 20 7.87 4.61 0.44
C LYS A 20 8.28 6.08 0.42
N LYS A 21 7.68 6.87 1.31
CA LYS A 21 7.98 8.29 1.42
C LYS A 21 8.03 8.70 2.88
N GLY A 22 8.27 7.72 3.74
CA GLY A 22 8.34 7.98 5.16
C GLY A 22 9.72 8.42 5.59
N ASN A 23 9.77 9.28 6.60
CA ASN A 23 11.04 9.81 7.13
C ASN A 23 11.94 8.68 7.60
N LEU A 24 11.32 7.62 8.12
CA LEU A 24 12.04 6.47 8.60
C LEU A 24 11.16 5.23 8.48
N GLY A 25 11.70 4.19 7.88
CA GLY A 25 10.93 2.97 7.69
C GLY A 25 11.69 1.95 6.88
N GLY A 26 11.04 1.37 5.89
CA GLY A 26 11.67 0.38 5.04
C GLY A 26 11.85 -0.95 5.75
N LEU A 27 10.82 -1.37 6.47
CA LEU A 27 10.85 -2.62 7.20
C LEU A 27 9.44 -3.14 7.39
N PRO A 28 9.18 -4.40 7.02
CA PRO A 28 7.86 -5.01 7.14
C PRO A 28 7.60 -5.53 8.56
N ALA A 1 0.39 -15.41 4.89
CA ALA A 1 -0.64 -16.13 5.66
C ALA A 1 -1.85 -16.47 4.81
N LEU A 2 -1.59 -17.15 3.68
CA LEU A 2 -2.65 -17.56 2.74
C LEU A 2 -3.36 -16.33 2.17
N GLU A 3 -2.59 -15.44 1.58
CA GLU A 3 -3.10 -14.20 0.99
C GLU A 3 -3.83 -14.46 -0.33
N THR A 4 -4.72 -15.44 -0.34
CA THR A 4 -5.48 -15.77 -1.54
C THR A 4 -6.53 -14.70 -1.80
N GLN A 5 -7.21 -14.29 -0.73
CA GLN A 5 -8.22 -13.26 -0.82
C GLN A 5 -7.55 -11.89 -1.00
N LYS A 6 -8.04 -11.12 -1.94
CA LYS A 6 -7.47 -9.81 -2.21
C LYS A 6 -8.02 -8.77 -1.24
N PRO A 7 -7.14 -8.20 -0.40
CA PRO A 7 -7.52 -7.21 0.60
C PRO A 7 -7.55 -5.79 0.02
N ASN A 8 -8.21 -5.64 -1.11
CA ASN A 8 -8.33 -4.36 -1.80
C ASN A 8 -6.95 -3.81 -2.12
N HIS A 9 -6.31 -4.38 -3.14
CA HIS A 9 -4.98 -3.97 -3.55
C HIS A 9 -4.91 -2.48 -3.91
N LEU A 10 -6.05 -1.88 -4.21
CA LEU A 10 -6.10 -0.45 -4.54
C LEU A 10 -5.70 0.38 -3.32
N LEU A 11 -6.13 -0.08 -2.15
CA LEU A 11 -5.82 0.60 -0.90
C LEU A 11 -4.38 0.37 -0.46
N GLU A 12 -3.83 -0.80 -0.77
CA GLU A 12 -2.45 -1.10 -0.36
C GLU A 12 -1.45 -0.16 -1.03
N GLU A 13 -1.70 0.24 -2.28
CA GLU A 13 -0.80 1.16 -2.96
C GLU A 13 -0.78 2.47 -2.18
N ALA A 14 -1.93 2.86 -1.65
CA ALA A 14 -2.03 4.07 -0.83
C ALA A 14 -1.16 3.90 0.40
N LEU A 15 -1.18 2.68 0.96
CA LEU A 15 -0.37 2.36 2.12
C LEU A 15 1.11 2.44 1.76
N VAL A 16 1.45 1.83 0.63
CA VAL A 16 2.82 1.82 0.14
C VAL A 16 3.26 3.24 -0.23
N ALA A 17 2.34 4.02 -0.79
CA ALA A 17 2.63 5.40 -1.17
C ALA A 17 3.10 6.21 0.03
N PHE A 18 2.47 5.96 1.17
CA PHE A 18 2.86 6.64 2.39
C PHE A 18 4.19 6.09 2.89
N ALA A 19 4.32 4.77 2.84
CA ALA A 19 5.54 4.08 3.28
C ALA A 19 6.76 4.45 2.45
N LYS A 20 6.59 4.53 1.13
CA LYS A 20 7.70 4.86 0.24
C LYS A 20 8.18 6.30 0.51
N LYS A 21 7.26 7.10 1.05
CA LYS A 21 7.56 8.48 1.39
C LYS A 21 8.23 8.53 2.77
N GLY A 22 7.75 7.68 3.66
CA GLY A 22 8.28 7.61 5.01
C GLY A 22 7.57 6.55 5.83
N ASN A 23 8.29 5.86 6.69
CA ASN A 23 7.71 4.82 7.52
C ASN A 23 6.64 5.40 8.45
N LEU A 24 5.47 4.78 8.43
CA LEU A 24 4.35 5.22 9.27
C LEU A 24 4.66 5.00 10.74
N GLY A 25 5.27 3.85 11.03
CA GLY A 25 5.62 3.51 12.38
C GLY A 25 6.13 2.10 12.50
N GLY A 26 5.36 1.16 11.98
CA GLY A 26 5.75 -0.24 12.02
C GLY A 26 4.63 -1.16 11.61
N LEU A 27 3.44 -0.91 12.17
CA LEU A 27 2.26 -1.71 11.87
C LEU A 27 1.67 -1.31 10.52
N PRO A 28 1.31 -2.29 9.68
CA PRO A 28 0.73 -2.05 8.37
C PRO A 28 -0.76 -1.73 8.45
N ALA A 1 -9.75 -9.94 0.70
CA ALA A 1 -8.92 -11.04 1.22
C ALA A 1 -7.98 -11.57 0.15
N LEU A 2 -8.53 -11.91 -1.00
CA LEU A 2 -7.74 -12.42 -2.12
C LEU A 2 -8.63 -12.46 -3.38
N GLU A 3 -9.41 -11.41 -3.54
CA GLU A 3 -10.32 -11.27 -4.65
C GLU A 3 -9.56 -10.96 -5.94
N THR A 4 -10.00 -11.53 -7.04
CA THR A 4 -9.35 -11.31 -8.33
C THR A 4 -9.45 -9.85 -8.76
N GLN A 5 -10.55 -9.20 -8.38
CA GLN A 5 -10.78 -7.80 -8.70
C GLN A 5 -10.06 -6.88 -7.70
N LYS A 6 -8.78 -7.19 -7.48
CA LYS A 6 -7.93 -6.43 -6.56
C LYS A 6 -8.40 -6.65 -5.11
N PRO A 7 -7.68 -7.50 -4.36
CA PRO A 7 -8.01 -7.83 -2.96
C PRO A 7 -7.75 -6.65 -2.01
N ASN A 8 -8.50 -5.57 -2.21
CA ASN A 8 -8.35 -4.35 -1.42
C ASN A 8 -6.99 -3.74 -1.71
N HIS A 9 -6.51 -4.03 -2.91
CA HIS A 9 -5.22 -3.57 -3.39
C HIS A 9 -5.19 -2.05 -3.45
N LEU A 10 -6.36 -1.44 -3.64
CA LEU A 10 -6.46 0.02 -3.71
C LEU A 10 -5.89 0.63 -2.44
N LEU A 11 -6.08 -0.06 -1.33
CA LEU A 11 -5.58 0.39 -0.04
C LEU A 11 -4.07 0.17 0.06
N GLU A 12 -3.59 -1.00 -0.33
CA GLU A 12 -2.17 -1.32 -0.25
C GLU A 12 -1.32 -0.50 -1.23
N GLU A 13 -1.80 -0.28 -2.45
CA GLU A 13 -1.02 0.50 -3.41
C GLU A 13 -0.85 1.92 -2.89
N ALA A 14 -1.90 2.45 -2.28
CA ALA A 14 -1.84 3.78 -1.68
C ALA A 14 -0.94 3.74 -0.45
N LEU A 15 -1.01 2.63 0.27
CA LEU A 15 -0.21 2.42 1.47
C LEU A 15 1.28 2.48 1.14
N VAL A 16 1.68 1.79 0.08
CA VAL A 16 3.08 1.79 -0.34
C VAL A 16 3.54 3.21 -0.70
N ALA A 17 2.67 3.94 -1.38
CA ALA A 17 2.96 5.30 -1.77
C ALA A 17 3.22 6.17 -0.53
N PHE A 18 2.51 5.86 0.54
CA PHE A 18 2.65 6.58 1.80
C PHE A 18 3.88 6.06 2.57
N ALA A 19 4.02 4.75 2.61
CA ALA A 19 5.14 4.10 3.31
C ALA A 19 6.49 4.56 2.77
N LYS A 20 6.54 4.82 1.48
CA LYS A 20 7.76 5.28 0.82
C LYS A 20 8.22 6.62 1.40
N LYS A 21 7.27 7.40 1.89
CA LYS A 21 7.57 8.71 2.47
C LYS A 21 8.19 8.56 3.86
N GLY A 22 7.73 7.54 4.58
CA GLY A 22 8.24 7.29 5.91
C GLY A 22 7.94 5.87 6.36
N ASN A 23 9.00 5.12 6.64
CA ASN A 23 8.87 3.73 7.08
C ASN A 23 8.38 3.64 8.52
N LEU A 24 8.51 4.75 9.26
CA LEU A 24 8.11 4.84 10.67
C LEU A 24 9.11 4.08 11.57
N GLY A 25 9.37 2.82 11.24
CA GLY A 25 10.29 2.01 11.99
C GLY A 25 9.70 1.48 13.28
N GLY A 26 10.48 1.54 14.35
CA GLY A 26 10.03 1.05 15.65
C GLY A 26 9.18 2.06 16.40
N LEU A 27 8.11 2.50 15.78
CA LEU A 27 7.20 3.46 16.40
C LEU A 27 5.76 2.98 16.28
N PRO A 28 4.98 3.10 17.37
CA PRO A 28 3.58 2.69 17.38
C PRO A 28 2.66 3.73 16.77
N ALA A 1 -2.40 -8.66 -15.12
CA ALA A 1 -3.23 -8.32 -16.29
C ALA A 1 -4.32 -9.36 -16.47
N LEU A 2 -5.55 -8.89 -16.69
CA LEU A 2 -6.72 -9.76 -16.86
C LEU A 2 -7.08 -10.46 -15.54
N GLU A 3 -8.32 -10.25 -15.10
CA GLU A 3 -8.87 -10.84 -13.87
C GLU A 3 -7.88 -10.76 -12.71
N THR A 4 -7.15 -9.66 -12.63
CA THR A 4 -6.18 -9.45 -11.56
C THR A 4 -6.87 -8.78 -10.37
N GLN A 5 -7.95 -9.38 -9.92
CA GLN A 5 -8.73 -8.87 -8.79
C GLN A 5 -7.92 -8.86 -7.49
N LYS A 6 -8.21 -7.88 -6.64
CA LYS A 6 -7.55 -7.73 -5.36
C LYS A 6 -8.54 -7.15 -4.35
N PRO A 7 -8.55 -7.69 -3.12
CA PRO A 7 -9.47 -7.24 -2.07
C PRO A 7 -9.33 -5.76 -1.72
N ASN A 8 -8.09 -5.29 -1.60
CA ASN A 8 -7.85 -3.90 -1.24
C ASN A 8 -6.59 -3.36 -1.89
N HIS A 9 -6.43 -3.62 -3.18
CA HIS A 9 -5.24 -3.15 -3.91
C HIS A 9 -5.17 -1.62 -3.88
N LEU A 10 -6.32 -0.97 -3.94
CA LEU A 10 -6.36 0.49 -3.91
C LEU A 10 -5.78 0.98 -2.58
N LEU A 11 -6.06 0.24 -1.52
CA LEU A 11 -5.57 0.58 -0.20
C LEU A 11 -4.10 0.19 -0.03
N GLU A 12 -3.74 -1.02 -0.47
CA GLU A 12 -2.36 -1.48 -0.34
C GLU A 12 -1.40 -0.66 -1.19
N GLU A 13 -1.83 -0.27 -2.38
CA GLU A 13 -1.01 0.53 -3.28
C GLU A 13 -0.68 1.85 -2.58
N ALA A 14 -1.72 2.46 -2.02
CA ALA A 14 -1.57 3.72 -1.30
C ALA A 14 -0.75 3.50 -0.04
N LEU A 15 -0.91 2.32 0.57
CA LEU A 15 -0.18 1.97 1.77
C LEU A 15 1.33 2.02 1.53
N VAL A 16 1.77 1.36 0.48
CA VAL A 16 3.19 1.34 0.14
C VAL A 16 3.66 2.72 -0.30
N ALA A 17 2.84 3.39 -1.11
CA ALA A 17 3.17 4.72 -1.60
C ALA A 17 3.36 5.68 -0.42
N PHE A 18 2.44 5.62 0.53
CA PHE A 18 2.51 6.47 1.72
C PHE A 18 3.69 6.08 2.59
N ALA A 19 3.94 4.77 2.69
CA ALA A 19 5.04 4.25 3.49
C ALA A 19 6.39 4.80 3.05
N LYS A 20 6.67 4.69 1.76
CA LYS A 20 7.93 5.19 1.22
C LYS A 20 7.98 6.71 1.24
N LYS A 21 6.82 7.34 1.14
CA LYS A 21 6.73 8.79 1.13
C LYS A 21 7.02 9.35 2.51
N GLY A 22 6.47 8.70 3.53
CA GLY A 22 6.67 9.16 4.90
C GLY A 22 6.13 10.55 5.09
N ASN A 23 7.00 11.47 5.50
CA ASN A 23 6.61 12.85 5.70
C ASN A 23 7.86 13.73 5.64
N LEU A 24 8.66 13.52 4.60
CA LEU A 24 9.89 14.26 4.42
C LEU A 24 9.65 15.58 3.69
N GLY A 25 8.61 16.30 4.10
CA GLY A 25 8.28 17.57 3.48
C GLY A 25 7.58 17.44 2.14
N GLY A 26 8.08 16.56 1.28
CA GLY A 26 7.49 16.39 -0.02
C GLY A 26 7.71 15.00 -0.58
N LEU A 27 8.27 14.95 -1.80
CA LEU A 27 8.56 13.69 -2.51
C LEU A 27 7.40 12.70 -2.44
N PRO A 28 6.25 13.04 -3.08
CA PRO A 28 5.05 12.19 -3.09
C PRO A 28 5.33 10.81 -3.66
N ALA A 1 -12.87 -14.49 -12.59
CA ALA A 1 -14.16 -13.98 -12.07
C ALA A 1 -13.97 -12.61 -11.48
N LEU A 2 -14.69 -11.62 -12.02
CA LEU A 2 -14.57 -10.23 -11.57
C LEU A 2 -13.12 -9.79 -11.73
N GLU A 3 -12.61 -9.96 -12.94
CA GLU A 3 -11.22 -9.64 -13.25
C GLU A 3 -10.90 -8.19 -12.89
N THR A 4 -9.84 -8.01 -12.12
CA THR A 4 -9.41 -6.68 -11.69
C THR A 4 -8.13 -6.79 -10.86
N GLN A 5 -8.04 -7.87 -10.07
CA GLN A 5 -6.89 -8.12 -9.22
C GLN A 5 -6.68 -6.97 -8.23
N LYS A 6 -7.77 -6.48 -7.69
CA LYS A 6 -7.74 -5.39 -6.72
C LYS A 6 -8.85 -5.53 -5.67
N PRO A 7 -8.89 -6.65 -4.93
CA PRO A 7 -9.92 -6.86 -3.89
C PRO A 7 -9.86 -5.76 -2.84
N ASN A 8 -8.65 -5.45 -2.42
CA ASN A 8 -8.41 -4.40 -1.44
C ASN A 8 -7.01 -3.86 -1.66
N HIS A 9 -6.59 -3.96 -2.91
CA HIS A 9 -5.27 -3.50 -3.31
C HIS A 9 -5.23 -1.99 -3.38
N LEU A 10 -6.37 -1.36 -3.64
CA LEU A 10 -6.45 0.10 -3.71
C LEU A 10 -5.87 0.72 -2.44
N LEU A 11 -6.09 0.05 -1.32
CA LEU A 11 -5.58 0.51 -0.04
C LEU A 11 -4.08 0.27 0.07
N GLU A 12 -3.64 -0.94 -0.27
CA GLU A 12 -2.22 -1.30 -0.18
C GLU A 12 -1.36 -0.52 -1.18
N GLU A 13 -1.89 -0.31 -2.39
CA GLU A 13 -1.17 0.43 -3.41
C GLU A 13 -0.87 1.83 -2.91
N ALA A 14 -1.87 2.44 -2.28
CA ALA A 14 -1.72 3.76 -1.69
C ALA A 14 -0.82 3.69 -0.46
N LEU A 15 -0.93 2.59 0.27
CA LEU A 15 -0.15 2.37 1.47
C LEU A 15 1.34 2.37 1.13
N VAL A 16 1.71 1.65 0.07
CA VAL A 16 3.10 1.57 -0.37
C VAL A 16 3.61 2.96 -0.76
N ALA A 17 2.74 3.76 -1.36
CA ALA A 17 3.09 5.12 -1.77
C ALA A 17 3.41 5.96 -0.56
N PHE A 18 2.60 5.83 0.48
CA PHE A 18 2.79 6.57 1.73
C PHE A 18 3.97 6.02 2.51
N ALA A 19 4.13 4.70 2.50
CA ALA A 19 5.21 4.03 3.23
C ALA A 19 6.58 4.59 2.84
N LYS A 20 6.78 4.80 1.55
CA LYS A 20 8.04 5.35 1.05
C LYS A 20 8.05 6.88 1.14
N LYS A 21 7.41 7.41 2.18
CA LYS A 21 7.32 8.84 2.40
C LYS A 21 7.17 9.15 3.89
N GLY A 22 6.21 8.50 4.52
CA GLY A 22 5.96 8.70 5.93
C GLY A 22 6.59 7.63 6.77
N ASN A 23 7.21 8.04 7.87
CA ASN A 23 7.87 7.11 8.79
C ASN A 23 6.87 6.10 9.38
N LEU A 24 5.68 6.60 9.72
CA LEU A 24 4.63 5.76 10.28
C LEU A 24 3.31 6.53 10.33
N GLY A 25 3.37 7.73 10.90
CA GLY A 25 2.18 8.56 11.00
C GLY A 25 1.17 8.03 11.99
N GLY A 26 1.64 7.64 13.16
CA GLY A 26 0.74 7.13 14.18
C GLY A 26 0.50 5.64 14.02
N LEU A 27 -0.70 5.29 13.58
CA LEU A 27 -1.10 3.89 13.38
C LEU A 27 -1.03 3.10 14.69
N PRO A 28 -1.91 3.45 15.66
CA PRO A 28 -1.97 2.77 16.95
C PRO A 28 -2.86 1.53 16.92
N ALA A 1 -3.83 -17.08 -2.34
CA ALA A 1 -4.20 -15.95 -3.23
C ALA A 1 -3.01 -15.57 -4.10
N LEU A 2 -3.16 -14.51 -4.88
CA LEU A 2 -2.11 -14.02 -5.77
C LEU A 2 -2.49 -12.65 -6.27
N GLU A 3 -1.69 -12.09 -7.17
CA GLU A 3 -1.98 -10.77 -7.72
C GLU A 3 -3.29 -10.81 -8.49
N THR A 4 -3.92 -9.65 -8.59
CA THR A 4 -5.23 -9.51 -9.24
C THR A 4 -6.30 -9.91 -8.23
N GLN A 5 -6.09 -11.04 -7.58
CA GLN A 5 -6.98 -11.54 -6.53
C GLN A 5 -6.57 -10.89 -5.21
N LYS A 6 -6.28 -9.61 -5.28
CA LYS A 6 -5.85 -8.83 -4.12
C LYS A 6 -7.05 -8.25 -3.39
N PRO A 7 -7.09 -8.36 -2.06
CA PRO A 7 -8.18 -7.84 -1.23
C PRO A 7 -8.20 -6.31 -1.21
N ASN A 8 -8.56 -5.71 -2.34
CA ASN A 8 -8.62 -4.27 -2.50
C ASN A 8 -7.22 -3.67 -2.44
N HIS A 9 -6.41 -4.01 -3.45
CA HIS A 9 -5.03 -3.53 -3.54
C HIS A 9 -4.97 -2.00 -3.60
N LEU A 10 -6.09 -1.36 -3.91
CA LEU A 10 -6.14 0.10 -3.98
C LEU A 10 -5.68 0.68 -2.65
N LEU A 11 -6.04 0.01 -1.57
CA LEU A 11 -5.65 0.43 -0.23
C LEU A 11 -4.16 0.22 0.00
N GLU A 12 -3.64 -0.92 -0.43
CA GLU A 12 -2.22 -1.23 -0.24
C GLU A 12 -1.33 -0.31 -1.07
N GLU A 13 -1.81 0.08 -2.26
CA GLU A 13 -1.05 0.99 -3.12
C GLU A 13 -0.74 2.26 -2.35
N ALA A 14 -1.77 2.83 -1.74
CA ALA A 14 -1.65 4.03 -0.94
C ALA A 14 -0.79 3.76 0.29
N LEU A 15 -0.99 2.59 0.89
CA LEU A 15 -0.25 2.19 2.08
C LEU A 15 1.26 2.19 1.80
N VAL A 16 1.66 1.50 0.75
CA VAL A 16 3.07 1.42 0.38
C VAL A 16 3.58 2.78 -0.11
N ALA A 17 2.76 3.48 -0.89
CA ALA A 17 3.14 4.79 -1.40
C ALA A 17 3.47 5.73 -0.25
N PHE A 18 2.58 5.77 0.74
CA PHE A 18 2.77 6.62 1.91
C PHE A 18 3.98 6.15 2.72
N ALA A 19 4.09 4.83 2.87
CA ALA A 19 5.21 4.23 3.60
C ALA A 19 6.53 4.64 2.97
N LYS A 20 6.58 4.58 1.64
CA LYS A 20 7.78 4.94 0.90
C LYS A 20 8.17 6.38 1.20
N LYS A 21 7.25 7.30 0.94
CA LYS A 21 7.48 8.73 1.21
C LYS A 21 6.27 9.54 0.76
N GLY A 22 5.09 8.96 0.97
CA GLY A 22 3.86 9.64 0.57
C GLY A 22 3.76 9.82 -0.93
N ASN A 23 4.03 8.72 -1.64
CA ASN A 23 3.99 8.70 -3.10
C ASN A 23 5.09 9.62 -3.66
N LEU A 24 4.82 10.29 -4.77
CA LEU A 24 5.79 11.17 -5.39
C LEU A 24 5.60 12.62 -4.94
N GLY A 25 5.65 12.85 -3.64
CA GLY A 25 5.46 14.19 -3.13
C GLY A 25 5.51 14.27 -1.62
N GLY A 26 4.87 13.31 -0.96
CA GLY A 26 4.83 13.30 0.49
C GLY A 26 3.71 14.15 1.04
N LEU A 27 2.60 14.19 0.30
CA LEU A 27 1.41 14.95 0.69
C LEU A 27 1.70 16.44 0.82
N PRO A 28 2.10 17.10 -0.29
CA PRO A 28 2.39 18.53 -0.30
C PRO A 28 1.13 19.36 -0.51
N ALA A 1 -20.33 -11.10 -7.69
CA ALA A 1 -19.31 -10.60 -6.74
C ALA A 1 -19.50 -11.28 -5.39
N LEU A 2 -18.40 -11.52 -4.70
CA LEU A 2 -18.44 -12.18 -3.40
C LEU A 2 -17.11 -11.97 -2.67
N GLU A 3 -17.19 -11.78 -1.36
CA GLU A 3 -16.00 -11.56 -0.56
C GLU A 3 -15.23 -12.86 -0.38
N THR A 4 -13.94 -12.82 -0.66
CA THR A 4 -13.09 -14.00 -0.52
C THR A 4 -11.72 -13.60 0.02
N GLN A 5 -11.74 -12.84 1.11
CA GLN A 5 -10.52 -12.35 1.76
C GLN A 5 -9.71 -11.48 0.80
N LYS A 6 -10.39 -10.53 0.17
CA LYS A 6 -9.73 -9.62 -0.76
C LYS A 6 -8.91 -8.59 0.00
N PRO A 7 -7.64 -8.39 -0.40
CA PRO A 7 -6.73 -7.44 0.26
C PRO A 7 -7.08 -5.99 -0.08
N ASN A 8 -7.80 -5.82 -1.19
CA ASN A 8 -8.20 -4.51 -1.68
C ASN A 8 -6.96 -3.71 -2.05
N HIS A 9 -6.35 -4.16 -3.14
CA HIS A 9 -5.11 -3.59 -3.69
C HIS A 9 -5.16 -2.07 -3.78
N LEU A 10 -6.34 -1.51 -4.00
CA LEU A 10 -6.49 -0.06 -4.10
C LEU A 10 -5.97 0.63 -2.84
N LEU A 11 -6.14 -0.01 -1.69
CA LEU A 11 -5.67 0.55 -0.43
C LEU A 11 -4.17 0.33 -0.24
N GLU A 12 -3.69 -0.85 -0.62
CA GLU A 12 -2.27 -1.16 -0.46
C GLU A 12 -1.39 -0.22 -1.29
N GLU A 13 -1.92 0.20 -2.45
CA GLU A 13 -1.20 1.13 -3.32
C GLU A 13 -0.87 2.40 -2.56
N ALA A 14 -1.89 2.96 -1.91
CA ALA A 14 -1.72 4.16 -1.11
C ALA A 14 -0.84 3.87 0.11
N LEU A 15 -1.04 2.68 0.68
CA LEU A 15 -0.28 2.25 1.85
C LEU A 15 1.22 2.25 1.56
N VAL A 16 1.61 1.58 0.48
CA VAL A 16 3.01 1.50 0.09
C VAL A 16 3.55 2.88 -0.31
N ALA A 17 2.73 3.65 -1.01
CA ALA A 17 3.12 4.99 -1.44
C ALA A 17 3.46 5.85 -0.24
N PHE A 18 2.59 5.81 0.77
CA PHE A 18 2.78 6.58 1.99
C PHE A 18 3.97 6.03 2.77
N ALA A 19 4.10 4.70 2.79
CA ALA A 19 5.20 4.05 3.49
C ALA A 19 6.56 4.49 2.93
N LYS A 20 6.64 4.56 1.62
CA LYS A 20 7.87 4.96 0.95
C LYS A 20 8.12 6.45 1.12
N LYS A 21 7.07 7.24 1.09
CA LYS A 21 7.17 8.68 1.24
C LYS A 21 7.53 9.08 2.67
N GLY A 22 6.80 8.53 3.63
CA GLY A 22 7.04 8.85 5.02
C GLY A 22 8.13 8.01 5.66
N ASN A 23 9.12 7.64 4.87
CA ASN A 23 10.23 6.84 5.36
C ASN A 23 11.12 7.67 6.28
N LEU A 24 11.57 8.81 5.77
CA LEU A 24 12.42 9.72 6.54
C LEU A 24 11.56 10.47 7.56
N GLY A 25 10.32 10.72 7.19
CA GLY A 25 9.39 11.41 8.05
C GLY A 25 7.98 11.32 7.50
N GLY A 26 7.07 10.83 8.31
CA GLY A 26 5.70 10.68 7.88
C GLY A 26 5.02 9.54 8.60
N LEU A 27 5.70 8.41 8.66
CA LEU A 27 5.17 7.24 9.35
C LEU A 27 5.39 7.39 10.87
N PRO A 28 6.65 7.61 11.32
CA PRO A 28 6.95 7.77 12.74
C PRO A 28 6.92 9.24 13.15
N ALA A 1 -3.63 -20.10 -12.87
CA ALA A 1 -2.28 -19.58 -13.18
C ALA A 1 -2.35 -18.11 -13.58
N LEU A 2 -3.18 -17.36 -12.88
CA LEU A 2 -3.36 -15.93 -13.13
C LEU A 2 -4.16 -15.33 -11.98
N GLU A 3 -3.80 -15.74 -10.77
CA GLU A 3 -4.47 -15.30 -9.56
C GLU A 3 -4.13 -13.85 -9.23
N THR A 4 -4.45 -12.94 -10.14
CA THR A 4 -4.19 -11.53 -9.95
C THR A 4 -5.24 -10.87 -9.04
N GLN A 5 -5.38 -11.42 -7.84
CA GLN A 5 -6.33 -10.91 -6.87
C GLN A 5 -6.00 -9.48 -6.47
N LYS A 6 -7.00 -8.61 -6.49
CA LYS A 6 -6.81 -7.21 -6.15
C LYS A 6 -8.06 -6.65 -5.44
N PRO A 7 -8.46 -7.23 -4.29
CA PRO A 7 -9.63 -6.77 -3.54
C PRO A 7 -9.41 -5.40 -2.91
N ASN A 8 -8.47 -5.32 -1.99
CA ASN A 8 -8.16 -4.07 -1.32
C ASN A 8 -6.81 -3.56 -1.79
N HIS A 9 -6.52 -3.78 -3.05
CA HIS A 9 -5.26 -3.36 -3.64
C HIS A 9 -5.16 -1.84 -3.66
N LEU A 10 -6.29 -1.19 -3.87
CA LEU A 10 -6.33 0.28 -3.89
C LEU A 10 -5.81 0.82 -2.56
N LEU A 11 -6.03 0.06 -1.50
CA LEU A 11 -5.58 0.45 -0.17
C LEU A 11 -4.09 0.15 -0.01
N GLU A 12 -3.66 -1.04 -0.42
CA GLU A 12 -2.26 -1.43 -0.29
C GLU A 12 -1.33 -0.59 -1.16
N GLU A 13 -1.73 -0.29 -2.39
CA GLU A 13 -0.90 0.52 -3.29
C GLU A 13 -0.69 1.90 -2.67
N ALA A 14 -1.75 2.44 -2.10
CA ALA A 14 -1.69 3.74 -1.44
C ALA A 14 -0.83 3.61 -0.17
N LEU A 15 -0.98 2.47 0.49
CA LEU A 15 -0.23 2.18 1.71
C LEU A 15 1.27 2.22 1.42
N VAL A 16 1.69 1.51 0.38
CA VAL A 16 3.09 1.47 -0.02
C VAL A 16 3.57 2.85 -0.44
N ALA A 17 2.73 3.57 -1.18
CA ALA A 17 3.07 4.92 -1.64
C ALA A 17 3.32 5.83 -0.46
N PHE A 18 2.44 5.75 0.54
CA PHE A 18 2.57 6.55 1.75
C PHE A 18 3.79 6.10 2.56
N ALA A 19 3.99 4.79 2.61
CA ALA A 19 5.10 4.21 3.35
C ALA A 19 6.44 4.74 2.83
N LYS A 20 6.59 4.77 1.51
CA LYS A 20 7.81 5.26 0.88
C LYS A 20 8.09 6.71 1.28
N LYS A 21 7.02 7.49 1.42
CA LYS A 21 7.14 8.89 1.80
C LYS A 21 7.65 9.01 3.24
N GLY A 22 7.23 8.07 4.07
CA GLY A 22 7.66 8.06 5.46
C GLY A 22 9.06 7.52 5.63
N ASN A 23 9.42 6.57 4.77
CA ASN A 23 10.73 5.94 4.80
C ASN A 23 11.77 6.85 4.15
N LEU A 24 12.37 6.40 3.04
CA LEU A 24 13.37 7.18 2.34
C LEU A 24 13.65 6.58 0.96
N GLY A 25 14.02 7.44 0.02
CA GLY A 25 14.31 6.99 -1.33
C GLY A 25 13.06 6.58 -2.07
N GLY A 26 12.88 5.29 -2.26
CA GLY A 26 11.72 4.79 -2.97
C GLY A 26 11.37 3.39 -2.54
N LEU A 27 11.50 3.13 -1.25
CA LEU A 27 11.19 1.82 -0.68
C LEU A 27 10.31 2.02 0.55
N PRO A 28 9.27 1.18 0.72
CA PRO A 28 8.35 1.29 1.85
C PRO A 28 9.03 0.91 3.17
N ALA A 1 -5.93 -9.06 4.09
CA ALA A 1 -6.59 -9.61 5.30
C ALA A 1 -8.02 -9.07 5.43
N LEU A 2 -8.68 -8.91 4.29
CA LEU A 2 -10.05 -8.43 4.23
C LEU A 2 -10.59 -8.69 2.83
N GLU A 3 -10.20 -9.84 2.31
CA GLU A 3 -10.57 -10.26 0.96
C GLU A 3 -11.99 -10.84 0.91
N THR A 4 -12.93 -10.15 1.53
CA THR A 4 -14.32 -10.58 1.54
C THR A 4 -14.90 -10.45 0.13
N GLN A 5 -14.45 -9.43 -0.57
CA GLN A 5 -14.88 -9.16 -1.94
C GLN A 5 -13.67 -8.76 -2.77
N LYS A 6 -12.67 -9.66 -2.76
CA LYS A 6 -11.39 -9.47 -3.46
C LYS A 6 -10.47 -8.61 -2.59
N PRO A 7 -9.14 -8.77 -2.75
CA PRO A 7 -8.17 -8.00 -1.96
C PRO A 7 -8.27 -6.51 -2.22
N ASN A 8 -8.28 -5.73 -1.15
CA ASN A 8 -8.37 -4.28 -1.25
C ASN A 8 -7.02 -3.72 -1.65
N HIS A 9 -6.56 -4.14 -2.82
CA HIS A 9 -5.26 -3.74 -3.36
C HIS A 9 -5.20 -2.22 -3.52
N LEU A 10 -6.35 -1.59 -3.73
CA LEU A 10 -6.43 -0.14 -3.89
C LEU A 10 -5.81 0.55 -2.68
N LEU A 11 -6.11 0.05 -1.49
CA LEU A 11 -5.57 0.61 -0.26
C LEU A 11 -4.09 0.33 -0.15
N GLU A 12 -3.68 -0.85 -0.59
CA GLU A 12 -2.27 -1.25 -0.55
C GLU A 12 -1.42 -0.36 -1.44
N GLU A 13 -1.94 -0.02 -2.62
CA GLU A 13 -1.23 0.86 -3.54
C GLU A 13 -0.92 2.18 -2.84
N ALA A 14 -1.93 2.70 -2.16
CA ALA A 14 -1.80 3.93 -1.40
C ALA A 14 -0.86 3.72 -0.22
N LEU A 15 -0.94 2.52 0.36
CA LEU A 15 -0.11 2.15 1.49
C LEU A 15 1.37 2.26 1.13
N VAL A 16 1.76 1.64 0.03
CA VAL A 16 3.14 1.69 -0.44
C VAL A 16 3.54 3.12 -0.80
N ALA A 17 2.62 3.83 -1.43
CA ALA A 17 2.85 5.22 -1.81
C ALA A 17 3.16 6.07 -0.59
N PHE A 18 2.47 5.80 0.50
CA PHE A 18 2.67 6.54 1.75
C PHE A 18 3.87 6.01 2.51
N ALA A 19 4.06 4.70 2.50
CA ALA A 19 5.17 4.04 3.20
C ALA A 19 6.52 4.59 2.76
N LYS A 20 6.67 4.81 1.46
CA LYS A 20 7.92 5.33 0.91
C LYS A 20 8.06 6.84 1.15
N LYS A 21 7.59 7.28 2.32
CA LYS A 21 7.67 8.68 2.71
C LYS A 21 7.83 8.76 4.23
N GLY A 22 8.24 7.65 4.82
CA GLY A 22 8.43 7.57 6.26
C GLY A 22 8.63 6.16 6.72
N ASN A 23 7.73 5.67 7.57
CA ASN A 23 7.81 4.32 8.07
C ASN A 23 7.42 3.32 6.98
N LEU A 24 8.28 2.34 6.74
CA LEU A 24 8.02 1.33 5.72
C LEU A 24 6.95 0.35 6.18
N GLY A 25 6.05 0.02 5.27
CA GLY A 25 4.98 -0.91 5.57
C GLY A 25 4.34 -1.43 4.31
N GLY A 26 4.08 -2.72 4.26
CA GLY A 26 3.47 -3.33 3.08
C GLY A 26 4.46 -3.48 1.94
N LEU A 27 5.52 -4.24 2.20
CA LEU A 27 6.54 -4.47 1.17
C LEU A 27 7.04 -5.94 1.19
N PRO A 28 7.27 -6.57 2.37
CA PRO A 28 7.74 -7.95 2.41
C PRO A 28 6.58 -8.95 2.48
N ALA A 1 -4.31 2.72 -8.56
CA ALA A 1 -4.93 1.38 -8.76
C ALA A 1 -6.07 1.47 -9.76
N LEU A 2 -6.12 0.51 -10.67
CA LEU A 2 -7.17 0.45 -11.69
C LEU A 2 -7.13 -0.90 -12.38
N GLU A 3 -8.31 -1.50 -12.57
CA GLU A 3 -8.48 -2.81 -13.21
C GLU A 3 -7.39 -3.79 -12.80
N THR A 4 -7.06 -3.77 -11.53
CA THR A 4 -6.03 -4.63 -10.98
C THR A 4 -6.59 -5.98 -10.55
N GLN A 5 -7.88 -6.01 -10.26
CA GLN A 5 -8.57 -7.22 -9.82
C GLN A 5 -7.87 -7.84 -8.62
N LYS A 6 -7.79 -7.07 -7.55
CA LYS A 6 -7.15 -7.51 -6.31
C LYS A 6 -8.03 -7.15 -5.13
N PRO A 7 -8.05 -8.01 -4.09
CA PRO A 7 -8.87 -7.83 -2.88
C PRO A 7 -8.85 -6.42 -2.29
N ASN A 8 -7.67 -5.83 -2.11
CA ASN A 8 -7.58 -4.50 -1.52
C ASN A 8 -6.33 -3.77 -2.01
N HIS A 9 -6.06 -3.86 -3.30
CA HIS A 9 -4.90 -3.20 -3.87
C HIS A 9 -5.08 -1.69 -3.86
N LEU A 10 -6.32 -1.23 -3.94
CA LEU A 10 -6.61 0.20 -3.93
C LEU A 10 -6.04 0.86 -2.66
N LEU A 11 -6.27 0.22 -1.52
CA LEU A 11 -5.78 0.75 -0.26
C LEU A 11 -4.29 0.42 -0.06
N GLU A 12 -3.90 -0.83 -0.33
CA GLU A 12 -2.51 -1.23 -0.14
C GLU A 12 -1.55 -0.43 -1.02
N GLU A 13 -1.99 -0.08 -2.23
CA GLU A 13 -1.16 0.70 -3.14
C GLU A 13 -0.83 2.04 -2.49
N ALA A 14 -1.86 2.69 -1.97
CA ALA A 14 -1.69 3.97 -1.29
C ALA A 14 -0.88 3.77 -0.01
N LEU A 15 -1.12 2.65 0.65
CA LEU A 15 -0.43 2.30 1.89
C LEU A 15 1.08 2.26 1.66
N VAL A 16 1.49 1.52 0.63
CA VAL A 16 2.91 1.40 0.30
C VAL A 16 3.46 2.72 -0.20
N ALA A 17 2.67 3.42 -1.03
CA ALA A 17 3.07 4.71 -1.56
C ALA A 17 3.39 5.70 -0.45
N PHE A 18 2.54 5.70 0.57
CA PHE A 18 2.72 6.58 1.73
C PHE A 18 3.93 6.13 2.55
N ALA A 19 4.06 4.82 2.71
CA ALA A 19 5.17 4.24 3.46
C ALA A 19 6.51 4.66 2.87
N LYS A 20 6.64 4.52 1.56
CA LYS A 20 7.85 4.91 0.85
C LYS A 20 7.83 6.41 0.54
N LYS A 21 7.42 7.20 1.52
CA LYS A 21 7.35 8.64 1.36
C LYS A 21 7.55 9.32 2.71
N GLY A 22 6.89 8.79 3.73
CA GLY A 22 7.02 9.36 5.06
C GLY A 22 5.91 8.95 5.98
N ASN A 23 6.26 8.32 7.09
CA ASN A 23 5.27 7.88 8.08
C ASN A 23 5.95 7.58 9.40
N LEU A 24 6.98 8.36 9.70
CA LEU A 24 7.72 8.19 10.94
C LEU A 24 7.14 9.07 12.05
N GLY A 25 6.46 10.13 11.65
CA GLY A 25 5.86 11.03 12.59
C GLY A 25 5.37 12.31 11.91
N GLY A 26 5.50 13.43 12.58
CA GLY A 26 5.09 14.69 12.02
C GLY A 26 5.43 15.85 12.91
N LEU A 27 4.45 16.68 13.22
CA LEU A 27 4.67 17.83 14.10
C LEU A 27 4.81 17.37 15.55
N PRO A 28 3.83 16.60 16.09
CA PRO A 28 3.89 16.11 17.45
C PRO A 28 4.53 14.72 17.52
N ALA A 1 -11.40 -9.09 6.13
CA ALA A 1 -10.60 -8.25 7.06
C ALA A 1 -9.33 -8.97 7.42
N LEU A 2 -8.26 -8.20 7.67
CA LEU A 2 -6.94 -8.74 8.02
C LEU A 2 -6.26 -9.36 6.81
N GLU A 3 -4.96 -9.08 6.67
CA GLU A 3 -4.14 -9.58 5.58
C GLU A 3 -4.78 -9.40 4.21
N THR A 4 -5.40 -8.25 4.00
CA THR A 4 -6.02 -7.93 2.73
C THR A 4 -4.95 -7.43 1.75
N GLN A 5 -3.84 -8.17 1.69
CA GLN A 5 -2.70 -7.85 0.85
C GLN A 5 -2.94 -8.12 -0.63
N LYS A 6 -4.10 -7.68 -1.14
CA LYS A 6 -4.45 -7.84 -2.55
C LYS A 6 -5.91 -7.45 -2.82
N PRO A 7 -6.89 -8.00 -2.07
CA PRO A 7 -8.31 -7.67 -2.27
C PRO A 7 -8.54 -6.17 -2.17
N ASN A 8 -7.93 -5.56 -1.17
CA ASN A 8 -8.03 -4.13 -0.97
C ASN A 8 -6.83 -3.45 -1.64
N HIS A 9 -6.61 -3.79 -2.90
CA HIS A 9 -5.48 -3.28 -3.70
C HIS A 9 -5.42 -1.77 -3.65
N LEU A 10 -6.56 -1.10 -3.75
CA LEU A 10 -6.60 0.36 -3.72
C LEU A 10 -5.91 0.89 -2.46
N LEU A 11 -6.04 0.15 -1.37
CA LEU A 11 -5.42 0.54 -0.12
C LEU A 11 -3.94 0.16 -0.10
N GLU A 12 -3.60 -1.03 -0.60
CA GLU A 12 -2.22 -1.49 -0.59
C GLU A 12 -1.32 -0.66 -1.51
N GLU A 13 -1.82 -0.28 -2.68
CA GLU A 13 -1.03 0.54 -3.60
C GLU A 13 -0.73 1.89 -2.97
N ALA A 14 -1.75 2.46 -2.33
CA ALA A 14 -1.61 3.73 -1.64
C ALA A 14 -0.74 3.54 -0.39
N LEU A 15 -0.88 2.39 0.24
CA LEU A 15 -0.14 2.05 1.45
C LEU A 15 1.36 2.17 1.22
N VAL A 16 1.84 1.53 0.16
CA VAL A 16 3.25 1.54 -0.18
C VAL A 16 3.71 2.97 -0.53
N ALA A 17 2.86 3.68 -1.27
CA ALA A 17 3.17 5.05 -1.66
C ALA A 17 3.38 5.93 -0.44
N PHE A 18 2.49 5.78 0.54
CA PHE A 18 2.58 6.55 1.77
C PHE A 18 3.74 6.06 2.63
N ALA A 19 3.91 4.74 2.67
CA ALA A 19 4.98 4.11 3.46
C ALA A 19 6.35 4.60 3.00
N LYS A 20 6.51 4.75 1.70
CA LYS A 20 7.76 5.21 1.12
C LYS A 20 8.04 6.66 1.53
N LYS A 21 6.97 7.45 1.60
CA LYS A 21 7.07 8.84 2.00
C LYS A 21 7.39 8.97 3.48
N GLY A 22 6.76 8.12 4.28
CA GLY A 22 6.97 8.15 5.71
C GLY A 22 6.33 6.96 6.39
N ASN A 23 7.06 6.36 7.33
CA ASN A 23 6.56 5.19 8.04
C ASN A 23 7.15 5.11 9.45
N LEU A 24 8.34 5.69 9.62
CA LEU A 24 9.00 5.68 10.93
C LEU A 24 8.17 6.46 11.94
N GLY A 25 7.83 5.81 13.05
CA GLY A 25 7.04 6.44 14.08
C GLY A 25 7.77 7.59 14.76
N GLY A 26 9.08 7.47 14.88
CA GLY A 26 9.88 8.50 15.51
C GLY A 26 10.21 9.66 14.58
N LEU A 27 9.22 10.16 13.87
CA LEU A 27 9.41 11.27 12.94
C LEU A 27 8.15 12.12 12.88
N PRO A 28 8.30 13.45 13.03
CA PRO A 28 7.18 14.38 12.99
C PRO A 28 6.84 14.83 11.57
N ALA A 1 3.03 -10.96 -9.26
CA ALA A 1 1.86 -11.70 -9.78
C ALA A 1 0.69 -11.58 -8.80
N LEU A 2 -0.47 -11.29 -9.34
CA LEU A 2 -1.69 -11.15 -8.56
C LEU A 2 -2.85 -10.97 -9.55
N GLU A 3 -2.78 -11.76 -10.61
CA GLU A 3 -3.76 -11.71 -11.68
C GLU A 3 -5.16 -11.98 -11.13
N THR A 4 -6.06 -11.03 -11.37
CA THR A 4 -7.45 -11.11 -10.93
C THR A 4 -7.57 -10.98 -9.40
N GLN A 5 -6.44 -10.70 -8.74
CA GLN A 5 -6.43 -10.55 -7.30
C GLN A 5 -6.45 -9.07 -6.94
N LYS A 6 -7.37 -8.68 -6.06
CA LYS A 6 -7.49 -7.30 -5.63
C LYS A 6 -8.40 -7.18 -4.40
N PRO A 7 -8.01 -7.80 -3.26
CA PRO A 7 -8.80 -7.76 -2.02
C PRO A 7 -8.89 -6.34 -1.46
N ASN A 8 -7.74 -5.67 -1.42
CA ASN A 8 -7.67 -4.30 -0.91
C ASN A 8 -6.50 -3.60 -1.59
N HIS A 9 -6.33 -3.93 -2.87
CA HIS A 9 -5.25 -3.38 -3.69
C HIS A 9 -5.35 -1.87 -3.81
N LEU A 10 -6.56 -1.34 -3.86
CA LEU A 10 -6.77 0.09 -3.97
C LEU A 10 -6.14 0.82 -2.79
N LEU A 11 -6.38 0.32 -1.59
CA LEU A 11 -5.85 0.93 -0.38
C LEU A 11 -4.39 0.53 -0.16
N GLU A 12 -4.05 -0.73 -0.44
CA GLU A 12 -2.68 -1.20 -0.24
C GLU A 12 -1.72 -0.46 -1.18
N GLU A 13 -2.22 -0.06 -2.34
CA GLU A 13 -1.41 0.69 -3.31
C GLU A 13 -0.90 1.97 -2.65
N ALA A 14 -1.83 2.69 -2.04
CA ALA A 14 -1.52 3.93 -1.34
C ALA A 14 -0.63 3.65 -0.14
N LEU A 15 -0.87 2.51 0.51
CA LEU A 15 -0.09 2.10 1.66
C LEU A 15 1.38 1.98 1.30
N VAL A 16 1.65 1.28 0.20
CA VAL A 16 3.02 1.08 -0.27
C VAL A 16 3.62 2.40 -0.76
N ALA A 17 2.81 3.21 -1.44
CA ALA A 17 3.27 4.49 -1.95
C ALA A 17 3.63 5.45 -0.82
N PHE A 18 2.73 5.58 0.15
CA PHE A 18 2.95 6.46 1.29
C PHE A 18 4.01 5.92 2.23
N ALA A 19 4.32 4.62 2.12
CA ALA A 19 5.33 4.00 2.96
C ALA A 19 6.69 4.69 2.76
N LYS A 20 6.94 5.12 1.53
CA LYS A 20 8.18 5.83 1.20
C LYS A 20 8.20 7.18 1.89
N LYS A 21 7.02 7.79 1.99
CA LYS A 21 6.87 9.09 2.63
C LYS A 21 7.03 8.94 4.14
N GLY A 22 6.62 7.79 4.65
CA GLY A 22 6.71 7.52 6.07
C GLY A 22 5.69 6.49 6.51
N ASN A 23 4.43 6.73 6.13
CA ASN A 23 3.32 5.85 6.46
C ASN A 23 2.02 6.41 5.90
N LEU A 24 1.11 5.53 5.50
CA LEU A 24 -0.17 5.94 4.95
C LEU A 24 -1.05 6.58 6.03
N GLY A 25 -1.19 5.87 7.14
CA GLY A 25 -1.99 6.37 8.24
C GLY A 25 -2.29 5.29 9.27
N GLY A 26 -1.29 4.47 9.57
CA GLY A 26 -1.48 3.41 10.55
C GLY A 26 -0.20 2.65 10.84
N LEU A 27 0.12 2.52 12.11
CA LEU A 27 1.33 1.83 12.54
C LEU A 27 1.23 1.50 14.03
N PRO A 28 1.77 0.35 14.43
CA PRO A 28 1.74 -0.10 15.83
C PRO A 28 2.80 0.61 16.67
N ALA A 1 5.01 -18.49 -3.01
CA ALA A 1 4.73 -19.83 -3.58
C ALA A 1 3.69 -19.73 -4.68
N LEU A 2 2.61 -20.49 -4.56
CA LEU A 2 1.53 -20.44 -5.54
C LEU A 2 0.60 -19.28 -5.18
N GLU A 3 1.12 -18.07 -5.36
CA GLU A 3 0.38 -16.86 -5.03
C GLU A 3 -0.92 -16.76 -5.82
N THR A 4 -1.99 -16.43 -5.14
CA THR A 4 -3.30 -16.31 -5.76
C THR A 4 -4.18 -15.38 -4.93
N GLN A 5 -4.08 -15.50 -3.61
CA GLN A 5 -4.85 -14.68 -2.69
C GLN A 5 -4.47 -13.22 -2.86
N LYS A 6 -5.49 -12.36 -2.94
CA LYS A 6 -5.26 -10.94 -3.13
C LYS A 6 -6.43 -10.14 -2.53
N PRO A 7 -6.13 -9.09 -1.75
CA PRO A 7 -7.12 -8.26 -1.12
C PRO A 7 -7.42 -6.99 -1.92
N ASN A 8 -7.78 -5.92 -1.22
CA ASN A 8 -8.07 -4.65 -1.85
C ASN A 8 -6.76 -3.91 -2.10
N HIS A 9 -6.10 -4.27 -3.19
CA HIS A 9 -4.82 -3.65 -3.55
C HIS A 9 -4.93 -2.14 -3.65
N LEU A 10 -6.06 -1.64 -4.15
CA LEU A 10 -6.27 -0.21 -4.27
C LEU A 10 -5.96 0.51 -2.96
N LEU A 11 -6.34 -0.11 -1.85
CA LEU A 11 -6.08 0.46 -0.53
C LEU A 11 -4.61 0.33 -0.15
N GLU A 12 -4.02 -0.84 -0.39
CA GLU A 12 -2.62 -1.07 -0.04
C GLU A 12 -1.67 -0.23 -0.91
N GLU A 13 -2.04 0.02 -2.16
CA GLU A 13 -1.20 0.83 -3.06
C GLU A 13 -0.98 2.20 -2.43
N ALA A 14 -2.05 2.74 -1.84
CA ALA A 14 -1.99 4.03 -1.16
C ALA A 14 -1.05 3.94 0.03
N LEU A 15 -1.08 2.80 0.71
CA LEU A 15 -0.23 2.56 1.87
C LEU A 15 1.23 2.58 1.43
N VAL A 16 1.53 1.87 0.34
CA VAL A 16 2.88 1.82 -0.19
C VAL A 16 3.36 3.22 -0.58
N ALA A 17 2.47 4.01 -1.17
CA ALA A 17 2.80 5.36 -1.56
C ALA A 17 3.22 6.19 -0.35
N PHE A 18 2.55 5.95 0.77
CA PHE A 18 2.86 6.65 2.01
C PHE A 18 4.13 6.07 2.64
N ALA A 19 4.20 4.74 2.66
CA ALA A 19 5.36 4.03 3.23
C ALA A 19 6.64 4.44 2.52
N LYS A 20 6.54 4.67 1.22
CA LYS A 20 7.68 5.08 0.40
C LYS A 20 8.28 6.38 0.91
N LYS A 21 7.45 7.19 1.56
CA LYS A 21 7.90 8.47 2.11
C LYS A 21 8.38 8.30 3.55
N GLY A 22 9.00 7.16 3.84
CA GLY A 22 9.49 6.91 5.17
C GLY A 22 10.11 5.53 5.31
N ASN A 23 9.62 4.78 6.31
CA ASN A 23 10.12 3.42 6.57
C ASN A 23 9.53 2.42 5.58
N LEU A 24 9.87 2.60 4.31
CA LEU A 24 9.40 1.70 3.26
C LEU A 24 9.98 0.30 3.43
N GLY A 25 9.19 -0.70 3.05
CA GLY A 25 9.65 -2.07 3.17
C GLY A 25 8.81 -3.02 2.35
N GLY A 26 8.69 -4.26 2.82
CA GLY A 26 7.92 -5.25 2.11
C GLY A 26 6.43 -5.10 2.35
N LEU A 27 6.05 -4.88 3.60
CA LEU A 27 4.65 -4.71 3.96
C LEU A 27 4.25 -3.24 3.90
N PRO A 28 3.10 -2.95 3.29
CA PRO A 28 2.59 -1.58 3.16
C PRO A 28 1.95 -1.08 4.45
N ALA A 1 -18.55 -7.44 -12.48
CA ALA A 1 -19.82 -7.53 -11.73
C ALA A 1 -19.58 -7.29 -10.23
N LEU A 2 -18.64 -8.04 -9.66
CA LEU A 2 -18.32 -7.93 -8.23
C LEU A 2 -16.87 -8.31 -8.00
N GLU A 3 -15.99 -7.81 -8.85
CA GLU A 3 -14.57 -8.11 -8.74
C GLU A 3 -13.92 -7.24 -7.67
N THR A 4 -13.23 -7.90 -6.74
CA THR A 4 -12.56 -7.19 -5.65
C THR A 4 -11.31 -6.48 -6.16
N GLN A 5 -10.82 -6.89 -7.33
CA GLN A 5 -9.63 -6.32 -7.94
C GLN A 5 -8.42 -6.44 -7.01
N LYS A 6 -8.19 -7.69 -6.57
CA LYS A 6 -7.08 -8.02 -5.66
C LYS A 6 -7.38 -7.53 -4.25
N PRO A 7 -7.12 -8.37 -3.24
CA PRO A 7 -7.39 -8.07 -1.82
C PRO A 7 -6.88 -6.70 -1.37
N ASN A 8 -7.83 -5.76 -1.23
CA ASN A 8 -7.57 -4.39 -0.78
C ASN A 8 -6.42 -3.73 -1.55
N HIS A 9 -6.27 -4.12 -2.79
CA HIS A 9 -5.21 -3.59 -3.65
C HIS A 9 -5.30 -2.07 -3.80
N LEU A 10 -6.52 -1.57 -3.94
CA LEU A 10 -6.73 -0.14 -4.09
C LEU A 10 -6.12 0.65 -2.93
N LEU A 11 -6.29 0.14 -1.71
CA LEU A 11 -5.75 0.81 -0.54
C LEU A 11 -4.27 0.49 -0.35
N GLU A 12 -3.86 -0.76 -0.63
CA GLU A 12 -2.46 -1.16 -0.46
C GLU A 12 -1.56 -0.29 -1.32
N GLU A 13 -2.02 0.06 -2.52
CA GLU A 13 -1.25 0.89 -3.42
C GLU A 13 -0.90 2.21 -2.73
N ALA A 14 -1.90 2.78 -2.07
CA ALA A 14 -1.72 4.02 -1.33
C ALA A 14 -0.84 3.76 -0.11
N LEU A 15 -1.02 2.60 0.50
CA LEU A 15 -0.24 2.20 1.67
C LEU A 15 1.24 2.19 1.34
N VAL A 16 1.59 1.53 0.24
CA VAL A 16 2.97 1.45 -0.21
C VAL A 16 3.48 2.82 -0.63
N ALA A 17 2.59 3.63 -1.20
CA ALA A 17 2.94 4.97 -1.63
C ALA A 17 3.29 5.85 -0.43
N PHE A 18 2.49 5.76 0.62
CA PHE A 18 2.70 6.52 1.84
C PHE A 18 3.92 5.98 2.59
N ALA A 19 4.11 4.68 2.53
CA ALA A 19 5.23 4.02 3.19
C ALA A 19 6.56 4.57 2.69
N LYS A 20 6.66 4.75 1.37
CA LYS A 20 7.88 5.27 0.75
C LYS A 20 8.00 6.79 0.90
N LYS A 21 7.75 7.29 2.11
CA LYS A 21 7.86 8.72 2.42
C LYS A 21 7.60 8.96 3.90
N GLY A 22 7.67 7.89 4.69
CA GLY A 22 7.47 7.99 6.12
C GLY A 22 6.12 8.56 6.51
N ASN A 23 5.10 8.31 5.70
CA ASN A 23 3.76 8.81 6.00
C ASN A 23 2.87 7.66 6.48
N LEU A 24 3.35 6.94 7.47
CA LEU A 24 2.61 5.81 8.03
C LEU A 24 1.61 6.28 9.07
N GLY A 25 0.76 7.23 8.67
CA GLY A 25 -0.24 7.77 9.58
C GLY A 25 -1.27 6.74 9.96
N GLY A 26 -1.56 6.66 11.26
CA GLY A 26 -2.53 5.71 11.75
C GLY A 26 -2.42 5.54 13.24
N LEU A 27 -1.20 5.36 13.71
CA LEU A 27 -0.93 5.21 15.13
C LEU A 27 -0.27 6.48 15.66
N PRO A 28 0.86 6.94 15.06
CA PRO A 28 1.54 8.14 15.48
C PRO A 28 1.03 9.37 14.72
N ALA A 1 -6.70 -17.73 -10.11
CA ALA A 1 -5.73 -17.42 -11.20
C ALA A 1 -4.66 -16.46 -10.69
N LEU A 2 -4.23 -15.54 -11.54
CA LEU A 2 -3.23 -14.55 -11.14
C LEU A 2 -3.82 -13.58 -10.13
N GLU A 3 -3.06 -13.32 -9.07
CA GLU A 3 -3.47 -12.40 -8.02
C GLU A 3 -4.92 -12.63 -7.60
N THR A 4 -5.22 -13.86 -7.21
CA THR A 4 -6.58 -14.25 -6.81
C THR A 4 -7.02 -13.47 -5.57
N GLN A 5 -6.10 -13.30 -4.63
CA GLN A 5 -6.39 -12.57 -3.40
C GLN A 5 -6.68 -11.10 -3.70
N LYS A 6 -7.70 -10.56 -3.04
CA LYS A 6 -8.10 -9.17 -3.24
C LYS A 6 -8.17 -8.42 -1.91
N PRO A 7 -7.03 -8.20 -1.24
CA PRO A 7 -6.97 -7.49 0.05
C PRO A 7 -7.06 -5.98 -0.13
N ASN A 8 -7.99 -5.54 -0.98
CA ASN A 8 -8.18 -4.12 -1.27
C ASN A 8 -6.89 -3.52 -1.80
N HIS A 9 -6.53 -3.90 -3.02
CA HIS A 9 -5.31 -3.44 -3.67
C HIS A 9 -5.21 -1.92 -3.68
N LEU A 10 -6.34 -1.25 -3.86
CA LEU A 10 -6.37 0.21 -3.89
C LEU A 10 -5.79 0.77 -2.59
N LEU A 11 -6.10 0.11 -1.48
CA LEU A 11 -5.61 0.53 -0.18
C LEU A 11 -4.14 0.16 -0.01
N GLU A 12 -3.75 -1.03 -0.44
CA GLU A 12 -2.37 -1.47 -0.30
C GLU A 12 -1.41 -0.66 -1.19
N GLU A 13 -1.80 -0.38 -2.43
CA GLU A 13 -0.94 0.39 -3.31
C GLU A 13 -0.76 1.80 -2.75
N ALA A 14 -1.84 2.34 -2.20
CA ALA A 14 -1.80 3.65 -1.57
C ALA A 14 -0.92 3.57 -0.32
N LEU A 15 -1.00 2.43 0.37
CA LEU A 15 -0.23 2.19 1.57
C LEU A 15 1.26 2.28 1.26
N VAL A 16 1.67 1.60 0.20
CA VAL A 16 3.07 1.61 -0.23
C VAL A 16 3.47 3.01 -0.68
N ALA A 17 2.55 3.69 -1.36
CA ALA A 17 2.80 5.04 -1.84
C ALA A 17 3.08 5.98 -0.68
N PHE A 18 2.35 5.79 0.41
CA PHE A 18 2.52 6.60 1.61
C PHE A 18 3.75 6.16 2.39
N ALA A 19 3.96 4.85 2.44
CA ALA A 19 5.10 4.27 3.15
C ALA A 19 6.41 4.72 2.52
N LYS A 20 6.35 5.20 1.28
CA LYS A 20 7.52 5.64 0.55
C LYS A 20 8.01 7.02 1.02
N LYS A 21 7.82 7.31 2.31
CA LYS A 21 8.26 8.57 2.90
C LYS A 21 8.15 8.51 4.41
N GLY A 22 8.44 7.34 4.97
CA GLY A 22 8.37 7.14 6.40
C GLY A 22 8.83 5.75 6.79
N ASN A 23 8.84 5.48 8.09
CA ASN A 23 9.25 4.18 8.59
C ASN A 23 8.19 3.12 8.31
N LEU A 24 6.94 3.55 8.28
CA LEU A 24 5.83 2.65 8.03
C LEU A 24 4.59 3.46 7.66
N GLY A 25 3.86 2.98 6.65
CA GLY A 25 2.66 3.68 6.21
C GLY A 25 1.56 3.62 7.25
N GLY A 26 1.47 2.50 7.96
CA GLY A 26 0.46 2.34 8.98
C GLY A 26 0.50 0.97 9.59
N LEU A 27 0.65 -0.03 8.74
CA LEU A 27 0.72 -1.41 9.17
C LEU A 27 1.53 -2.22 8.17
N PRO A 28 2.29 -3.23 8.64
CA PRO A 28 3.13 -4.07 7.79
C PRO A 28 2.31 -5.10 7.01
#